data_6ZC3
#
_entry.id   6ZC3
#
_cell.length_a   87.276
_cell.length_b   87.276
_cell.length_c   57.844
_cell.angle_alpha   90.000
_cell.angle_beta   90.000
_cell.angle_gamma   120.000
#
_symmetry.space_group_name_H-M   'P 61'
#
loop_
_entity.id
_entity.type
_entity.pdbx_description
1 polymer 'Dishevelled, dsh homolog 3 (Drosophila), isoform CRA_b'
2 non-polymer 1,2-ETHANEDIOL
3 non-polymer '5-fluoranyl-2-(methylsulfonylamino)benzoic acid'
4 water water
#
_entity_poly.entity_id   1
_entity_poly.type   'polypeptide(L)'
_entity_poly.pdbx_seq_one_letter_code
;AMSLNIITVTLNMEKYNFLGISIVGQSNERGDGGIYIGSIMKGGAVAADGRIEPGDMLLQVNEINFENMSNDDAVRVLRE
IVHKPGPITLTVAKS
;
_entity_poly.pdbx_strand_id   A,B
#
# COMPACT_ATOMS: atom_id res chain seq x y z
N SER A 3 -10.81 -6.52 -26.46
CA SER A 3 -9.46 -5.90 -26.28
C SER A 3 -9.01 -6.07 -24.82
N LEU A 4 -9.74 -5.48 -23.88
CA LEU A 4 -9.40 -5.49 -22.43
C LEU A 4 -9.40 -6.93 -21.92
N ASN A 5 -8.30 -7.37 -21.31
CA ASN A 5 -8.13 -8.73 -20.76
C ASN A 5 -7.35 -8.65 -19.44
N ILE A 6 -8.07 -8.56 -18.33
CA ILE A 6 -7.49 -8.34 -16.97
C ILE A 6 -7.63 -9.62 -16.16
N ILE A 7 -6.52 -10.11 -15.60
CA ILE A 7 -6.48 -11.32 -14.75
C ILE A 7 -5.84 -10.97 -13.41
N THR A 8 -6.33 -11.59 -12.34
CA THR A 8 -5.76 -11.52 -10.98
C THR A 8 -5.17 -12.90 -10.62
N VAL A 9 -3.87 -12.93 -10.31
CA VAL A 9 -3.15 -14.19 -9.96
C VAL A 9 -2.52 -14.01 -8.58
N THR A 10 -2.63 -15.03 -7.74
CA THR A 10 -1.97 -15.12 -6.41
C THR A 10 -0.78 -16.07 -6.49
N LEU A 11 0.40 -15.56 -6.15
CA LEU A 11 1.65 -16.35 -5.98
C LEU A 11 1.93 -16.53 -4.49
N ASN A 12 1.91 -17.78 -4.01
CA ASN A 12 2.48 -18.14 -2.68
C ASN A 12 4.01 -18.14 -2.80
N MET A 13 4.66 -17.26 -2.04
CA MET A 13 6.11 -16.95 -2.19
C MET A 13 6.92 -17.83 -1.23
N GLU A 14 6.39 -19.01 -0.91
CA GLU A 14 6.99 -19.99 0.03
C GLU A 14 8.28 -20.56 -0.56
N LYS A 15 8.32 -20.71 -1.89
CA LYS A 15 9.40 -21.47 -2.60
C LYS A 15 10.30 -20.49 -3.36
N TYR A 16 9.97 -19.20 -3.38
CA TYR A 16 10.69 -18.15 -4.13
C TYR A 16 11.00 -16.95 -3.24
N ASN A 17 12.13 -16.31 -3.48
CA ASN A 17 12.62 -15.14 -2.70
C ASN A 17 12.28 -13.85 -3.45
N PHE A 18 11.96 -13.94 -4.75
CA PHE A 18 11.73 -12.78 -5.63
C PHE A 18 10.66 -13.11 -6.68
N LEU A 19 9.95 -12.07 -7.15
CA LEU A 19 8.99 -12.14 -8.28
C LEU A 19 9.74 -12.50 -9.57
N GLY A 20 10.96 -11.96 -9.73
CA GLY A 20 11.78 -12.13 -10.94
C GLY A 20 11.18 -11.39 -12.12
N ILE A 21 10.87 -10.10 -11.96
CA ILE A 21 10.38 -9.21 -13.04
C ILE A 21 11.22 -7.93 -13.07
N SER A 22 11.30 -7.30 -14.24
CA SER A 22 11.69 -5.88 -14.43
C SER A 22 10.48 -5.10 -14.93
N ILE A 23 10.27 -3.88 -14.43
CA ILE A 23 9.12 -3.02 -14.82
C ILE A 23 9.64 -1.76 -15.52
N VAL A 24 8.93 -1.32 -16.56
CA VAL A 24 9.29 -0.15 -17.40
C VAL A 24 8.05 0.72 -17.57
N GLY A 25 8.27 2.03 -17.74
CA GLY A 25 7.21 3.01 -18.03
C GLY A 25 6.47 3.45 -16.78
N GLN A 26 5.55 4.38 -16.93
CA GLN A 26 4.60 4.82 -15.86
C GLN A 26 3.41 5.51 -16.51
N SER A 27 2.30 5.64 -15.78
CA SER A 27 1.05 6.31 -16.23
C SER A 27 0.79 7.56 -15.38
N GLY A 31 -4.79 8.72 -18.10
CA GLY A 31 -5.00 7.36 -18.64
C GLY A 31 -4.05 7.04 -19.78
N ASP A 32 -2.92 7.76 -19.85
CA ASP A 32 -1.83 7.53 -20.85
C ASP A 32 -0.78 6.61 -20.22
N GLY A 33 -0.02 5.90 -21.06
CA GLY A 33 1.11 5.06 -20.65
C GLY A 33 0.67 3.98 -19.67
N GLY A 34 1.55 3.65 -18.71
CA GLY A 34 1.33 2.58 -17.72
C GLY A 34 2.64 1.95 -17.29
N ILE A 35 2.60 1.14 -16.23
CA ILE A 35 3.76 0.31 -15.78
C ILE A 35 3.61 -1.08 -16.39
N TYR A 36 4.62 -1.53 -17.14
CA TYR A 36 4.62 -2.81 -17.89
C TYR A 36 5.70 -3.73 -17.32
N ILE A 37 5.46 -5.04 -17.42
CA ILE A 37 6.51 -6.09 -17.31
C ILE A 37 7.43 -5.99 -18.52
N GLY A 38 8.65 -5.48 -18.32
CA GLY A 38 9.68 -5.39 -19.37
C GLY A 38 10.30 -6.74 -19.66
N SER A 39 10.58 -7.50 -18.60
CA SER A 39 11.20 -8.86 -18.70
CA SER A 39 11.26 -8.84 -18.68
C SER A 39 10.81 -9.71 -17.50
N ILE A 40 10.92 -11.04 -17.66
CA ILE A 40 10.70 -12.05 -16.58
C ILE A 40 11.95 -12.92 -16.47
N MET A 41 12.41 -13.16 -15.25
CA MET A 41 13.69 -13.84 -14.96
C MET A 41 13.41 -15.28 -14.51
N LYS A 42 14.23 -16.22 -14.99
CA LYS A 42 14.24 -17.63 -14.54
C LYS A 42 14.36 -17.68 -13.01
N GLY A 43 13.68 -18.65 -12.39
CA GLY A 43 13.83 -18.97 -10.96
C GLY A 43 12.99 -18.05 -10.07
N GLY A 44 12.38 -17.03 -10.67
CA GLY A 44 11.40 -16.14 -10.00
C GLY A 44 10.03 -16.79 -9.92
N ALA A 45 9.19 -16.30 -9.00
CA ALA A 45 7.83 -16.81 -8.76
C ALA A 45 6.97 -16.62 -10.02
N VAL A 46 7.17 -15.51 -10.74
CA VAL A 46 6.32 -15.12 -11.90
C VAL A 46 6.55 -16.10 -13.05
N ALA A 47 7.81 -16.40 -13.36
CA ALA A 47 8.22 -17.37 -14.42
C ALA A 47 7.63 -18.74 -14.10
N ALA A 48 7.71 -19.17 -12.84
CA ALA A 48 7.24 -20.48 -12.35
C ALA A 48 5.73 -20.61 -12.55
N ASP A 49 4.98 -19.55 -12.22
CA ASP A 49 3.49 -19.50 -12.32
C ASP A 49 3.09 -19.57 -13.80
N GLY A 50 3.67 -18.71 -14.63
CA GLY A 50 3.63 -18.80 -16.10
C GLY A 50 2.57 -17.91 -16.72
N ARG A 51 1.70 -17.31 -15.89
CA ARG A 51 0.47 -16.62 -16.36
C ARG A 51 0.78 -15.18 -16.78
N ILE A 52 1.71 -14.53 -16.08
CA ILE A 52 2.15 -13.13 -16.36
C ILE A 52 3.30 -13.17 -17.38
N GLU A 53 3.26 -12.29 -18.38
CA GLU A 53 4.19 -12.28 -19.53
C GLU A 53 4.73 -10.87 -19.75
N PRO A 54 5.91 -10.73 -20.40
CA PRO A 54 6.40 -9.42 -20.82
C PRO A 54 5.37 -8.70 -21.70
N GLY A 55 5.15 -7.41 -21.42
CA GLY A 55 4.18 -6.57 -22.15
C GLY A 55 2.86 -6.45 -21.42
N ASP A 56 2.64 -7.29 -20.40
CA ASP A 56 1.47 -7.15 -19.48
C ASP A 56 1.62 -5.85 -18.69
N MET A 57 0.51 -5.14 -18.49
CA MET A 57 0.46 -3.87 -17.71
C MET A 57 0.11 -4.19 -16.26
N LEU A 58 0.95 -3.75 -15.31
CA LEU A 58 0.76 -3.97 -13.86
C LEU A 58 -0.23 -2.94 -13.31
N LEU A 59 -1.37 -3.40 -12.79
CA LEU A 59 -2.49 -2.52 -12.36
C LEU A 59 -2.52 -2.42 -10.84
N GLN A 60 -2.36 -3.54 -10.14
CA GLN A 60 -2.51 -3.62 -8.67
C GLN A 60 -1.67 -4.78 -8.12
N VAL A 61 -1.01 -4.56 -6.99
CA VAL A 61 -0.30 -5.60 -6.19
C VAL A 61 -0.78 -5.51 -4.74
N ASN A 62 -1.45 -6.56 -4.25
CA ASN A 62 -1.86 -6.71 -2.82
C ASN A 62 -2.69 -5.48 -2.41
N GLU A 63 -3.66 -5.10 -3.25
CA GLU A 63 -4.64 -4.01 -2.97
C GLU A 63 -3.92 -2.65 -2.93
N ILE A 64 -2.68 -2.58 -3.40
CA ILE A 64 -2.00 -1.28 -3.73
C ILE A 64 -2.10 -1.05 -5.23
N ASN A 65 -2.74 0.06 -5.63
CA ASN A 65 -3.05 0.37 -7.05
C ASN A 65 -1.81 0.99 -7.71
N PHE A 66 -1.44 0.49 -8.90
CA PHE A 66 -0.18 0.84 -9.60
C PHE A 66 -0.48 1.73 -10.81
N GLU A 67 -1.76 2.08 -11.02
CA GLU A 67 -2.26 2.63 -12.30
C GLU A 67 -1.76 4.08 -12.47
N ASN A 68 -1.68 4.84 -11.38
CA ASN A 68 -1.19 6.25 -11.38
C ASN A 68 -0.02 6.37 -10.40
N MET A 69 1.08 5.65 -10.67
CA MET A 69 2.27 5.56 -9.80
C MET A 69 3.53 5.68 -10.66
N SER A 70 4.51 6.47 -10.21
CA SER A 70 5.83 6.62 -10.85
C SER A 70 6.55 5.26 -10.87
N ASN A 71 7.43 5.04 -11.85
CA ASN A 71 8.26 3.81 -11.97
C ASN A 71 9.12 3.67 -10.72
N ASP A 72 9.70 4.79 -10.24
CA ASP A 72 10.59 4.82 -9.05
C ASP A 72 9.84 4.29 -7.83
N ASP A 73 8.63 4.80 -7.59
CA ASP A 73 7.78 4.42 -6.43
C ASP A 73 7.35 2.96 -6.57
N ALA A 74 7.03 2.52 -7.80
CA ALA A 74 6.60 1.15 -8.12
C ALA A 74 7.70 0.15 -7.72
N VAL A 75 8.96 0.47 -8.03
CA VAL A 75 10.15 -0.37 -7.68
C VAL A 75 10.25 -0.45 -6.15
N ARG A 76 10.13 0.69 -5.46
CA ARG A 76 10.18 0.78 -3.97
C ARG A 76 9.10 -0.12 -3.37
N VAL A 77 7.86 0.03 -3.82
CA VAL A 77 6.68 -0.72 -3.29
C VAL A 77 6.91 -2.21 -3.50
N LEU A 78 7.33 -2.62 -4.71
CA LEU A 78 7.57 -4.04 -5.07
C LEU A 78 8.66 -4.61 -4.14
N ARG A 79 9.73 -3.84 -3.89
CA ARG A 79 10.83 -4.26 -2.99
C ARG A 79 10.28 -4.45 -1.58
N GLU A 80 9.47 -3.50 -1.10
CA GLU A 80 8.84 -3.54 0.25
C GLU A 80 7.98 -4.80 0.38
N ILE A 81 7.13 -5.07 -0.62
CA ILE A 81 6.15 -6.19 -0.61
C ILE A 81 6.92 -7.52 -0.63
N VAL A 82 7.90 -7.64 -1.53
CA VAL A 82 8.62 -8.93 -1.80
C VAL A 82 9.45 -9.30 -0.58
N HIS A 83 9.95 -8.32 0.17
CA HIS A 83 10.91 -8.51 1.29
C HIS A 83 10.17 -9.06 2.53
N LYS A 84 8.86 -8.82 2.62
CA LYS A 84 8.03 -9.33 3.74
C LYS A 84 7.37 -10.65 3.33
N PRO A 85 7.14 -11.56 4.30
CA PRO A 85 6.59 -12.88 4.01
C PRO A 85 5.12 -12.80 3.55
N GLY A 86 4.67 -13.84 2.85
CA GLY A 86 3.24 -14.02 2.52
C GLY A 86 3.00 -14.07 1.02
N PRO A 87 1.82 -14.55 0.59
CA PRO A 87 1.43 -14.55 -0.83
C PRO A 87 1.35 -13.14 -1.41
N ILE A 88 1.65 -13.01 -2.70
CA ILE A 88 1.55 -11.73 -3.47
C ILE A 88 0.48 -11.90 -4.55
N THR A 89 -0.53 -11.03 -4.54
CA THR A 89 -1.62 -11.00 -5.56
C THR A 89 -1.37 -9.85 -6.54
N LEU A 90 -1.17 -10.18 -7.82
CA LEU A 90 -0.97 -9.19 -8.90
C LEU A 90 -2.19 -9.21 -9.83
N THR A 91 -2.71 -8.03 -10.16
CA THR A 91 -3.69 -7.83 -11.25
C THR A 91 -3.00 -7.14 -12.43
N VAL A 92 -3.08 -7.73 -13.62
CA VAL A 92 -2.43 -7.21 -14.85
C VAL A 92 -3.45 -7.14 -15.98
N ALA A 93 -3.21 -6.25 -16.93
CA ALA A 93 -3.91 -6.19 -18.24
C ALA A 93 -3.03 -6.85 -19.31
N LYS A 94 -3.50 -7.96 -19.88
CA LYS A 94 -2.75 -8.76 -20.88
C LYS A 94 -2.61 -7.96 -22.17
N SER A 95 -1.48 -8.12 -22.87
CA SER A 95 -1.16 -7.42 -24.15
C SER A 95 -2.02 -8.01 -25.28
N SER B 3 3.90 12.50 28.96
CA SER B 3 3.30 13.40 27.93
C SER B 3 2.74 12.56 26.77
N LEU B 4 1.62 13.00 26.18
CA LEU B 4 0.86 12.26 25.15
C LEU B 4 1.55 12.43 23.78
N ASN B 5 2.07 13.62 23.51
CA ASN B 5 2.85 13.94 22.28
CA ASN B 5 2.85 13.94 22.28
C ASN B 5 1.97 13.68 21.04
N ILE B 6 0.92 14.49 20.88
CA ILE B 6 0.02 14.48 19.69
C ILE B 6 0.67 15.29 18.58
N ILE B 7 0.56 14.80 17.34
CA ILE B 7 0.85 15.59 16.10
C ILE B 7 -0.31 15.39 15.13
N THR B 8 -0.62 16.43 14.34
CA THR B 8 -1.59 16.37 13.20
C THR B 8 -0.81 16.51 11.90
N VAL B 9 -0.89 15.48 11.04
CA VAL B 9 -0.15 15.40 9.75
C VAL B 9 -1.17 15.54 8.61
N THR B 10 -1.08 16.64 7.86
CA THR B 10 -1.85 16.85 6.61
C THR B 10 -1.00 16.42 5.41
N LEU B 11 -1.43 15.37 4.70
CA LEU B 11 -0.81 14.89 3.44
C LEU B 11 -1.66 15.37 2.26
N ASN B 12 -1.08 16.20 1.40
CA ASN B 12 -1.60 16.40 0.01
C ASN B 12 -1.33 15.13 -0.79
N MET B 13 -2.39 14.48 -1.26
CA MET B 13 -2.33 13.16 -1.95
C MET B 13 -2.29 13.39 -3.46
N GLU B 14 -1.69 14.50 -3.88
CA GLU B 14 -1.49 14.87 -5.31
C GLU B 14 -0.50 13.88 -5.95
N LYS B 15 0.62 13.61 -5.26
CA LYS B 15 1.78 12.86 -5.80
C LYS B 15 1.71 11.40 -5.37
N TYR B 16 0.76 11.04 -4.50
CA TYR B 16 0.66 9.70 -3.88
C TYR B 16 -0.77 9.17 -3.96
N ASN B 17 -0.92 7.88 -4.22
CA ASN B 17 -2.21 7.18 -4.45
C ASN B 17 -2.64 6.47 -3.17
N PHE B 18 -1.72 6.28 -2.22
CA PHE B 18 -1.94 5.50 -0.97
C PHE B 18 -1.05 6.02 0.16
N LEU B 19 -1.43 5.73 1.40
CA LEU B 19 -0.73 6.17 2.63
C LEU B 19 0.55 5.36 2.80
N GLY B 20 0.49 4.06 2.51
CA GLY B 20 1.61 3.11 2.71
C GLY B 20 1.83 2.83 4.19
N ILE B 21 0.75 2.52 4.91
CA ILE B 21 0.80 2.06 6.34
C ILE B 21 0.06 0.72 6.45
N SER B 22 0.44 -0.08 7.44
CA SER B 22 -0.41 -1.15 8.03
C SER B 22 -0.82 -0.72 9.45
N ILE B 23 -2.02 -1.10 9.87
CA ILE B 23 -2.53 -0.79 11.24
C ILE B 23 -2.80 -2.10 11.98
N VAL B 24 -2.48 -2.11 13.27
CA VAL B 24 -2.71 -3.27 14.17
C VAL B 24 -3.58 -2.81 15.34
N GLY B 25 -4.25 -3.77 15.99
CA GLY B 25 -5.12 -3.52 17.15
C GLY B 25 -6.50 -3.05 16.73
N GLN B 26 -7.33 -2.70 17.71
CA GLN B 26 -8.72 -2.22 17.51
C GLN B 26 -8.99 -1.15 18.57
N SER B 27 -10.07 -0.37 18.39
CA SER B 27 -10.52 0.64 19.38
C SER B 27 -10.62 -0.03 20.76
N ASN B 28 -10.15 0.65 21.79
CA ASN B 28 -10.39 0.30 23.22
C ASN B 28 -11.91 0.29 23.47
N GLU B 29 -12.32 -0.22 24.63
CA GLU B 29 -13.75 -0.38 25.01
C GLU B 29 -14.46 0.97 24.95
N ARG B 30 -13.79 2.02 25.42
CA ARG B 30 -14.25 3.44 25.25
C ARG B 30 -13.11 4.29 24.69
N GLY B 31 -13.45 5.34 23.94
CA GLY B 31 -12.50 6.27 23.33
C GLY B 31 -12.01 5.78 21.98
N ASP B 32 -10.93 6.38 21.46
CA ASP B 32 -10.42 6.12 20.09
C ASP B 32 -8.93 5.79 20.14
N GLY B 33 -8.45 5.27 21.28
CA GLY B 33 -7.11 4.65 21.40
C GLY B 33 -7.12 3.19 21.00
N GLY B 34 -5.93 2.61 20.78
CA GLY B 34 -5.75 1.14 20.71
C GLY B 34 -5.35 0.68 19.32
N ILE B 35 -5.41 1.56 18.31
CA ILE B 35 -5.01 1.26 16.91
C ILE B 35 -3.66 1.92 16.62
N TYR B 36 -2.66 1.11 16.24
CA TYR B 36 -1.25 1.54 16.06
C TYR B 36 -0.84 1.38 14.60
N ILE B 37 0.11 2.21 14.16
CA ILE B 37 0.89 2.01 12.90
C ILE B 37 1.77 0.78 13.08
N GLY B 38 1.44 -0.32 12.39
CA GLY B 38 2.18 -1.59 12.45
C GLY B 38 3.48 -1.50 11.65
N SER B 39 3.43 -0.81 10.51
CA SER B 39 4.57 -0.66 9.58
C SER B 39 4.32 0.51 8.64
N ILE B 40 5.38 0.99 7.98
CA ILE B 40 5.28 2.07 6.96
CA ILE B 40 5.31 2.08 6.97
C ILE B 40 6.08 1.65 5.72
N MET B 41 5.49 1.86 4.54
CA MET B 41 6.01 1.37 3.24
C MET B 41 6.57 2.54 2.44
N LYS B 42 7.84 2.46 2.05
CA LYS B 42 8.48 3.39 1.09
C LYS B 42 7.69 3.38 -0.23
N GLY B 43 7.52 4.56 -0.84
CA GLY B 43 6.71 4.75 -2.06
C GLY B 43 5.31 5.25 -1.73
N GLY B 44 4.96 5.29 -0.44
CA GLY B 44 3.67 5.80 0.06
C GLY B 44 3.80 7.22 0.60
N ALA B 45 2.66 7.87 0.84
CA ALA B 45 2.57 9.30 1.24
C ALA B 45 3.18 9.49 2.63
N VAL B 46 2.91 8.58 3.55
CA VAL B 46 3.29 8.72 4.99
C VAL B 46 4.82 8.65 5.11
N ALA B 47 5.46 7.74 4.38
CA ALA B 47 6.93 7.57 4.36
C ALA B 47 7.59 8.86 3.82
N ALA B 48 7.04 9.43 2.75
CA ALA B 48 7.55 10.65 2.10
C ALA B 48 7.51 11.82 3.08
N ASP B 49 6.42 11.93 3.85
CA ASP B 49 6.20 13.02 4.84
C ASP B 49 7.19 12.86 6.00
N GLY B 50 7.31 11.64 6.54
CA GLY B 50 8.44 11.20 7.38
C GLY B 50 8.17 11.37 8.86
N ARG B 51 7.03 11.97 9.23
CA ARG B 51 6.72 12.35 10.64
C ARG B 51 6.18 11.13 11.39
N ILE B 52 5.27 10.37 10.78
CA ILE B 52 4.59 9.21 11.41
C ILE B 52 5.53 8.00 11.33
N GLU B 53 5.66 7.26 12.43
CA GLU B 53 6.58 6.10 12.56
C GLU B 53 5.79 4.89 13.07
N PRO B 54 6.27 3.66 12.81
CA PRO B 54 5.69 2.46 13.43
C PRO B 54 5.67 2.60 14.95
N GLY B 55 4.55 2.24 15.57
CA GLY B 55 4.35 2.31 17.03
C GLY B 55 3.57 3.54 17.45
N ASP B 56 3.46 4.54 16.56
CA ASP B 56 2.55 5.69 16.74
C ASP B 56 1.10 5.17 16.77
N MET B 57 0.24 5.81 17.56
CA MET B 57 -1.18 5.41 17.73
CA MET B 57 -1.18 5.41 17.73
C MET B 57 -2.07 6.33 16.87
N LEU B 58 -2.84 5.74 15.95
CA LEU B 58 -3.70 6.47 14.98
C LEU B 58 -5.06 6.73 15.61
N LEU B 59 -5.41 8.01 15.81
CA LEU B 59 -6.59 8.43 16.61
C LEU B 59 -7.72 8.87 15.67
N GLN B 60 -7.39 9.61 14.61
CA GLN B 60 -8.40 10.27 13.75
C GLN B 60 -7.85 10.40 12.32
N VAL B 61 -8.73 10.21 11.35
CA VAL B 61 -8.44 10.44 9.89
CA VAL B 61 -8.44 10.43 9.89
C VAL B 61 -9.52 11.35 9.31
N ASN B 62 -9.11 12.50 8.78
CA ASN B 62 -10.01 13.60 8.35
C ASN B 62 -10.96 13.90 9.52
N GLU B 63 -12.27 13.70 9.34
CA GLU B 63 -13.29 14.05 10.36
C GLU B 63 -13.71 12.78 11.12
N ILE B 64 -13.08 11.64 10.84
CA ILE B 64 -13.50 10.32 11.41
C ILE B 64 -12.50 9.90 12.50
N ASN B 65 -13.00 9.75 13.73
CA ASN B 65 -12.25 9.26 14.91
CA ASN B 65 -12.19 9.25 14.87
C ASN B 65 -12.38 7.73 14.99
N PHE B 66 -11.33 7.04 15.45
CA PHE B 66 -11.25 5.56 15.50
C PHE B 66 -11.85 5.05 16.81
N GLU B 67 -13.17 5.24 16.95
CA GLU B 67 -13.94 4.96 18.19
C GLU B 67 -14.79 3.71 17.98
N ASN B 68 -14.72 2.76 18.93
CA ASN B 68 -15.44 1.46 18.91
C ASN B 68 -15.43 0.91 17.47
N MET B 69 -14.23 0.80 16.89
CA MET B 69 -13.97 0.14 15.59
C MET B 69 -13.16 -1.13 15.83
N SER B 70 -13.51 -2.21 15.12
CA SER B 70 -12.62 -3.38 14.89
C SER B 70 -11.48 -2.97 13.94
N ASN B 71 -10.44 -3.80 13.83
CA ASN B 71 -9.30 -3.58 12.90
C ASN B 71 -9.86 -3.51 11.46
N ASP B 72 -10.78 -4.42 11.12
CA ASP B 72 -11.47 -4.46 9.80
C ASP B 72 -12.15 -3.12 9.55
N ASP B 73 -12.93 -2.63 10.52
CA ASP B 73 -13.69 -1.36 10.43
C ASP B 73 -12.72 -0.23 10.06
N ALA B 74 -11.60 -0.13 10.77
CA ALA B 74 -10.59 0.94 10.60
C ALA B 74 -9.95 0.84 9.21
N VAL B 75 -9.65 -0.38 8.76
CA VAL B 75 -9.05 -0.65 7.42
C VAL B 75 -10.02 -0.14 6.34
N ARG B 76 -11.32 -0.41 6.51
CA ARG B 76 -12.37 -0.05 5.53
C ARG B 76 -12.49 1.49 5.47
N VAL B 77 -12.37 2.16 6.61
CA VAL B 77 -12.44 3.65 6.70
C VAL B 77 -11.26 4.23 5.91
N LEU B 78 -10.04 3.73 6.15
CA LEU B 78 -8.81 4.20 5.48
C LEU B 78 -8.93 3.97 3.97
N ARG B 79 -9.39 2.80 3.56
CA ARG B 79 -9.55 2.42 2.13
C ARG B 79 -10.53 3.39 1.46
N GLU B 80 -11.68 3.62 2.08
CA GLU B 80 -12.75 4.52 1.57
C GLU B 80 -12.14 5.92 1.31
N ILE B 81 -11.41 6.45 2.29
CA ILE B 81 -10.85 7.84 2.24
C ILE B 81 -9.75 7.91 1.18
N VAL B 82 -8.90 6.89 1.11
CA VAL B 82 -7.70 6.87 0.21
C VAL B 82 -8.18 6.75 -1.25
N HIS B 83 -9.31 6.08 -1.48
CA HIS B 83 -9.81 5.73 -2.83
C HIS B 83 -10.59 6.90 -3.44
N LYS B 84 -10.84 7.95 -2.65
CA LYS B 84 -11.47 9.21 -3.14
C LYS B 84 -10.48 10.36 -3.04
N PRO B 85 -10.53 11.31 -4.00
CA PRO B 85 -9.54 12.38 -4.09
C PRO B 85 -9.54 13.28 -2.85
N GLY B 86 -8.44 14.00 -2.63
CA GLY B 86 -8.35 15.10 -1.66
C GLY B 86 -7.25 14.88 -0.64
N PRO B 87 -6.92 15.91 0.17
CA PRO B 87 -5.91 15.81 1.21
C PRO B 87 -6.40 14.91 2.35
N ILE B 88 -5.47 14.27 3.06
CA ILE B 88 -5.77 13.44 4.25
C ILE B 88 -5.02 14.01 5.46
N THR B 89 -5.75 14.29 6.54
CA THR B 89 -5.16 14.71 7.84
C THR B 89 -5.27 13.55 8.84
N LEU B 90 -4.12 13.08 9.35
CA LEU B 90 -4.03 12.06 10.42
C LEU B 90 -3.68 12.75 11.74
N THR B 91 -4.44 12.47 12.80
CA THR B 91 -4.04 12.77 14.20
C THR B 91 -3.45 11.50 14.83
N VAL B 92 -2.19 11.58 15.28
CA VAL B 92 -1.51 10.42 15.92
C VAL B 92 -0.90 10.87 17.25
N ALA B 93 -0.82 9.94 18.20
CA ALA B 93 -0.04 10.03 19.45
C ALA B 93 1.31 9.32 19.25
N LYS B 94 2.41 10.04 19.41
CA LYS B 94 3.79 9.52 19.19
C LYS B 94 4.15 8.52 20.30
N SER B 95 4.73 7.38 19.92
CA SER B 95 5.51 6.48 20.79
C SER B 95 6.11 5.33 19.98
#